data_3I4H
#
_entry.id   3I4H
#
_cell.length_a   84.745
_cell.length_b   84.745
_cell.length_c   81.679
_cell.angle_alpha   90.00
_cell.angle_beta   90.00
_cell.angle_gamma   120.00
#
_symmetry.space_group_name_H-M   'P 32 2 1'
#
_entity_poly.entity_id   1
_entity_poly.type   'polypeptide(L)'
_entity_poly.pdbx_seq_one_letter_code
;MAHHHHHHGSRFLIRLVPEDKDRAFKVPYNHQYYLQGLIYNAIKSSNPKLATYLHEVKGPKLFTYSLFMAEKREHPKGLP
YFLGYKKGFFYFSTCVPEIAEALVNGLLMNPEVRLWDERFYLHEIKVLREPKKFNGSTFVTLSPIAVTVVRKGKSYDVPP
MEKEFYSIIKDDLQDKYVMAYGDKPPSEFEMEVLIAKPKRFRIKPGIYQTAWHLVFRAYGNDDLLKVGYEVGFGEKNSLG
FGMVKVEGNKTTKEAEEQEKITFNSREELKTGV
;
_entity_poly.pdbx_strand_id   X
#
# COMPACT_ATOMS: atom_id res chain seq x y z
N HIS A 6 -17.40 7.39 -10.16
CA HIS A 6 -17.02 6.09 -10.86
C HIS A 6 -15.78 5.38 -10.19
N HIS A 7 -15.89 5.21 -8.89
CA HIS A 7 -14.88 4.51 -8.11
C HIS A 7 -15.30 3.09 -7.92
N HIS A 8 -14.34 2.20 -7.93
CA HIS A 8 -14.53 0.85 -7.40
C HIS A 8 -13.12 0.40 -7.16
N GLY A 9 -12.95 -0.64 -6.37
CA GLY A 9 -11.63 -1.05 -5.92
C GLY A 9 -10.99 -1.99 -6.91
N SER A 10 -9.70 -1.81 -7.14
CA SER A 10 -8.87 -2.74 -7.94
C SER A 10 -7.76 -3.04 -7.06
N ARG A 11 -7.34 -4.26 -6.93
CA ARG A 11 -6.31 -4.60 -6.01
C ARG A 11 -5.55 -5.62 -6.84
N PHE A 12 -4.20 -5.55 -6.84
CA PHE A 12 -3.33 -6.45 -7.64
C PHE A 12 -2.25 -6.98 -6.88
N LEU A 13 -1.85 -8.20 -7.19
CA LEU A 13 -0.58 -8.72 -6.64
C LEU A 13 0.34 -8.73 -7.89
N ILE A 14 1.57 -8.26 -7.74
CA ILE A 14 2.44 -8.12 -8.89
C ILE A 14 3.63 -8.95 -8.60
N ARG A 15 3.83 -10.00 -9.35
CA ARG A 15 5.04 -10.86 -9.08
C ARG A 15 6.12 -10.56 -10.08
N LEU A 16 7.35 -10.53 -9.63
CA LEU A 16 8.53 -10.18 -10.45
C LEU A 16 9.40 -11.37 -10.30
N VAL A 17 10.06 -11.83 -11.35
CA VAL A 17 11.16 -12.79 -11.14
C VAL A 17 12.56 -12.14 -11.41
N PRO A 18 13.60 -12.56 -10.68
CA PRO A 18 14.84 -11.93 -11.03
C PRO A 18 15.37 -12.43 -12.39
N GLU A 19 16.25 -11.64 -13.01
CA GLU A 19 16.77 -11.91 -14.34
C GLU A 19 17.24 -13.39 -14.52
N ASP A 20 18.05 -13.90 -13.62
CA ASP A 20 18.25 -15.34 -13.55
C ASP A 20 17.37 -16.00 -12.49
N LYS A 21 16.53 -16.94 -12.89
CA LYS A 21 15.68 -17.64 -11.92
C LYS A 21 16.38 -18.21 -10.64
N ASP A 22 17.69 -18.51 -10.73
CA ASP A 22 18.40 -19.02 -9.57
C ASP A 22 19.48 -18.05 -9.18
N ARG A 23 19.35 -17.52 -7.99
CA ARG A 23 20.29 -16.59 -7.36
C ARG A 23 19.48 -15.91 -6.26
N ALA A 24 20.11 -15.16 -5.44
CA ALA A 24 19.49 -14.61 -4.29
C ALA A 24 19.54 -13.12 -4.75
N PHE A 25 18.37 -12.49 -4.75
CA PHE A 25 18.28 -11.03 -4.91
C PHE A 25 18.17 -10.36 -3.56
N LYS A 26 18.91 -9.29 -3.37
CA LYS A 26 18.74 -8.40 -2.23
C LYS A 26 17.40 -7.62 -2.26
N VAL A 27 16.86 -7.37 -1.07
CA VAL A 27 15.85 -6.34 -0.85
C VAL A 27 16.26 -5.43 0.32
N PRO A 28 16.60 -4.15 0.05
CA PRO A 28 16.86 -3.21 1.12
C PRO A 28 15.65 -3.16 2.06
N TYR A 29 15.90 -2.95 3.34
CA TYR A 29 14.88 -2.89 4.41
C TYR A 29 14.07 -1.61 4.24
N ASN A 30 14.75 -0.61 3.73
CA ASN A 30 14.13 0.63 3.38
C ASN A 30 14.04 0.69 1.86
N HIS A 31 12.93 0.25 1.29
CA HIS A 31 12.84 0.19 -0.15
C HIS A 31 11.59 0.93 -0.66
N GLN A 32 11.00 1.77 0.19
CA GLN A 32 9.78 2.51 -0.13
C GLN A 32 10.00 3.29 -1.31
N TYR A 33 11.14 3.96 -1.30
CA TYR A 33 11.43 4.98 -2.28
C TYR A 33 11.72 4.36 -3.66
N TYR A 34 12.37 3.19 -3.69
CA TYR A 34 12.60 2.43 -4.93
C TYR A 34 11.32 1.93 -5.61
N LEU A 35 10.48 1.30 -4.79
CA LEU A 35 9.13 0.83 -5.12
C LEU A 35 8.26 1.99 -5.60
N GLN A 36 8.36 3.08 -4.92
CA GLN A 36 7.60 4.26 -5.36
C GLN A 36 8.02 4.81 -6.71
N GLY A 37 9.30 4.69 -6.99
CA GLY A 37 9.84 5.12 -8.35
C GLY A 37 9.27 4.25 -9.45
N LEU A 38 9.27 2.93 -9.17
CA LEU A 38 8.67 1.94 -10.06
C LEU A 38 7.23 2.28 -10.43
N ILE A 39 6.40 2.52 -9.42
CA ILE A 39 4.98 2.67 -9.58
C ILE A 39 4.78 3.98 -10.35
N TYR A 40 5.37 5.05 -9.84
CA TYR A 40 5.27 6.41 -10.52
C TYR A 40 5.85 6.34 -11.92
N ASN A 41 6.95 5.65 -12.16
CA ASN A 41 7.43 5.49 -13.58
C ASN A 41 6.52 4.70 -14.47
N ALA A 42 5.86 3.62 -13.98
CA ALA A 42 4.83 2.90 -14.80
C ALA A 42 3.70 3.89 -15.19
N ILE A 43 3.21 4.69 -14.27
CA ILE A 43 2.09 5.52 -14.60
C ILE A 43 2.37 6.73 -15.54
N LYS A 44 3.52 7.38 -15.28
CA LYS A 44 4.12 8.43 -16.08
C LYS A 44 4.38 7.92 -17.44
N SER A 45 4.78 6.68 -17.60
CA SER A 45 4.96 6.08 -18.94
C SER A 45 3.60 5.86 -19.72
N SER A 46 2.59 5.20 -19.13
CA SER A 46 1.36 4.97 -19.83
C SER A 46 0.53 6.12 -19.86
N ASN A 47 0.60 7.02 -18.91
CA ASN A 47 -0.38 8.17 -18.97
C ASN A 47 0.22 9.39 -18.31
N PRO A 48 1.03 10.18 -19.05
CA PRO A 48 1.69 11.40 -18.47
C PRO A 48 0.70 12.50 -17.98
N LYS A 49 -0.45 12.66 -18.65
CA LYS A 49 -1.42 13.58 -18.15
C LYS A 49 -1.86 13.15 -16.78
N LEU A 50 -2.19 11.86 -16.62
CA LEU A 50 -2.62 11.41 -15.25
C LEU A 50 -1.49 11.63 -14.26
N ALA A 51 -0.28 11.21 -14.56
CA ALA A 51 0.81 11.36 -13.60
C ALA A 51 1.08 12.83 -13.19
N THR A 52 0.75 13.78 -14.05
CA THR A 52 0.88 15.25 -13.74
C THR A 52 -0.30 15.70 -12.90
N TYR A 53 -1.46 15.16 -13.19
CA TYR A 53 -2.58 15.38 -12.23
C TYR A 53 -2.23 14.86 -10.83
N LEU A 54 -1.64 13.66 -10.75
CA LEU A 54 -1.36 13.09 -9.46
C LEU A 54 -0.26 13.86 -8.74
N HIS A 55 0.68 14.43 -9.50
CA HIS A 55 1.83 15.12 -8.92
C HIS A 55 1.44 16.44 -8.25
N GLU A 56 0.34 17.02 -8.74
CA GLU A 56 -0.24 18.30 -8.34
C GLU A 56 -1.21 18.14 -7.20
N VAL A 57 -2.18 17.22 -7.37
CA VAL A 57 -3.26 17.03 -6.40
C VAL A 57 -2.77 17.04 -4.92
N LYS A 58 -3.52 17.84 -4.14
CA LYS A 58 -3.27 18.14 -2.71
C LYS A 58 -4.28 17.27 -1.98
N GLY A 59 -3.79 16.53 -1.00
CA GLY A 59 -4.60 15.46 -0.36
C GLY A 59 -4.11 14.05 -0.74
N PRO A 60 -4.83 13.00 -0.22
CA PRO A 60 -4.66 11.61 -0.67
C PRO A 60 -4.86 11.45 -2.18
N LYS A 61 -4.07 10.57 -2.75
CA LYS A 61 -4.09 10.32 -4.20
C LYS A 61 -4.94 9.18 -4.58
N LEU A 62 -5.44 8.47 -3.57
CA LEU A 62 -6.41 7.36 -3.73
C LEU A 62 -5.80 6.05 -4.23
N PHE A 63 -4.59 5.78 -3.79
CA PHE A 63 -3.94 4.57 -4.08
C PHE A 63 -2.88 4.25 -3.07
N THR A 64 -2.53 2.96 -2.90
CA THR A 64 -1.47 2.60 -1.91
C THR A 64 -0.79 1.28 -2.38
N TYR A 65 0.25 0.79 -1.73
CA TYR A 65 0.81 -0.47 -2.11
C TYR A 65 1.61 -0.84 -0.98
N SER A 66 2.00 -2.08 -0.97
CA SER A 66 2.49 -2.64 0.21
C SER A 66 3.97 -2.63 0.23
N LEU A 67 4.56 -3.29 1.20
CA LEU A 67 5.99 -3.52 1.11
C LEU A 67 6.32 -4.56 0.01
N PHE A 68 7.50 -4.48 -0.55
CA PHE A 68 8.00 -5.53 -1.47
C PHE A 68 8.43 -6.79 -0.73
N MET A 69 7.87 -7.93 -1.09
CA MET A 69 8.10 -9.12 -0.30
C MET A 69 8.72 -10.24 -1.18
N ALA A 70 9.36 -11.23 -0.59
CA ALA A 70 9.91 -12.31 -1.40
C ALA A 70 9.38 -13.68 -0.97
N GLU A 71 9.28 -14.60 -1.92
CA GLU A 71 9.11 -16.02 -1.60
C GLU A 71 10.36 -16.57 -0.91
N LYS A 72 10.14 -17.48 0.03
CA LYS A 72 10.97 -17.55 1.24
C LYS A 72 11.49 -16.18 1.62
N ARG A 73 12.20 -16.11 2.75
CA ARG A 73 13.18 -15.05 2.97
C ARG A 73 14.49 -15.63 3.49
N GLU A 74 15.42 -14.75 3.87
CA GLU A 74 16.55 -15.13 4.70
C GLU A 74 17.35 -13.91 5.14
N HIS A 75 17.36 -13.66 6.45
CA HIS A 75 17.83 -12.39 6.98
C HIS A 75 19.27 -12.53 7.49
N PRO A 76 20.25 -11.85 6.85
CA PRO A 76 21.60 -11.78 7.43
C PRO A 76 21.58 -11.02 8.75
N LYS A 77 22.74 -10.84 9.39
CA LYS A 77 22.91 -10.00 10.62
C LYS A 77 23.40 -8.61 10.30
N GLY A 78 22.70 -7.58 10.81
CA GLY A 78 23.13 -6.18 10.66
C GLY A 78 23.54 -5.82 9.23
N LEU A 79 22.75 -6.25 8.25
CA LEU A 79 22.92 -5.87 6.85
C LEU A 79 21.68 -5.03 6.46
N PRO A 80 21.86 -4.05 5.55
CA PRO A 80 20.73 -3.18 5.12
C PRO A 80 19.65 -3.89 4.29
N TYR A 81 19.91 -5.13 3.85
CA TYR A 81 18.97 -5.87 3.03
C TYR A 81 18.67 -7.26 3.53
N PHE A 82 17.61 -7.86 3.01
CA PHE A 82 17.43 -9.29 3.21
C PHE A 82 17.68 -9.99 1.88
N LEU A 83 17.61 -11.31 1.86
CA LEU A 83 17.80 -12.05 0.62
C LEU A 83 16.49 -12.70 0.26
N GLY A 84 16.16 -12.67 -1.02
CA GLY A 84 14.96 -13.33 -1.45
C GLY A 84 15.24 -14.23 -2.60
N TYR A 85 14.28 -15.09 -2.90
CA TYR A 85 14.53 -16.23 -3.73
C TYR A 85 13.30 -16.41 -4.61
N LYS A 86 13.50 -16.83 -5.86
CA LYS A 86 12.41 -17.27 -6.75
C LYS A 86 11.48 -16.21 -7.34
N LYS A 87 10.85 -15.42 -6.46
CA LYS A 87 9.91 -14.33 -6.84
C LYS A 87 9.94 -13.15 -5.84
N GLY A 88 9.58 -11.99 -6.36
CA GLY A 88 9.52 -10.71 -5.61
C GLY A 88 8.12 -10.25 -5.85
N PHE A 89 7.48 -9.62 -4.88
CA PHE A 89 6.08 -9.29 -5.18
C PHE A 89 5.60 -8.14 -4.36
N PHE A 90 4.47 -7.55 -4.73
CA PHE A 90 4.01 -6.41 -3.96
C PHE A 90 2.62 -6.23 -4.38
N TYR A 91 1.78 -5.62 -3.46
CA TYR A 91 0.33 -5.38 -3.85
C TYR A 91 0.12 -3.90 -4.08
N PHE A 92 -0.93 -3.57 -4.79
CA PHE A 92 -1.11 -2.24 -5.15
C PHE A 92 -2.66 -2.10 -5.07
N SER A 93 -3.25 -0.99 -4.64
CA SER A 93 -4.68 -0.91 -4.62
C SER A 93 -5.13 0.48 -4.91
N THR A 94 -6.23 0.67 -5.58
CA THR A 94 -6.70 1.98 -5.83
C THR A 94 -8.20 1.99 -5.96
N CYS A 95 -8.83 3.13 -5.84
CA CYS A 95 -10.26 3.16 -6.26
C CYS A 95 -10.52 3.96 -7.54
N VAL A 96 -9.45 4.43 -8.17
CA VAL A 96 -9.45 5.14 -9.45
C VAL A 96 -9.09 4.21 -10.61
N PRO A 97 -10.09 3.86 -11.45
CA PRO A 97 -9.82 2.91 -12.51
C PRO A 97 -8.72 3.41 -13.52
N GLU A 98 -8.49 4.70 -13.71
CA GLU A 98 -7.43 5.25 -14.63
C GLU A 98 -6.08 5.09 -14.03
N ILE A 99 -5.95 5.05 -12.69
CA ILE A 99 -4.70 4.76 -12.08
C ILE A 99 -4.31 3.31 -12.10
N ALA A 100 -5.29 2.44 -11.88
CA ALA A 100 -5.05 1.03 -11.99
C ALA A 100 -4.68 0.65 -13.43
N GLU A 101 -5.42 1.11 -14.41
CA GLU A 101 -5.00 0.92 -15.81
C GLU A 101 -3.60 1.47 -16.21
N ALA A 102 -3.27 2.68 -15.78
CA ALA A 102 -1.97 3.28 -16.10
C ALA A 102 -0.92 2.44 -15.45
N LEU A 103 -1.12 1.98 -14.22
CA LEU A 103 -0.10 1.15 -13.57
C LEU A 103 0.10 -0.17 -14.27
N VAL A 104 -0.97 -0.86 -14.69
CA VAL A 104 -0.71 -2.21 -15.24
C VAL A 104 -0.11 -2.16 -16.64
N ASN A 105 -0.60 -1.32 -17.48
CA ASN A 105 -0.02 -0.96 -18.80
C ASN A 105 1.42 -0.38 -18.75
N GLY A 106 1.72 0.43 -17.75
CA GLY A 106 3.04 0.92 -17.57
C GLY A 106 3.89 -0.28 -17.27
N LEU A 107 3.52 -1.20 -16.43
CA LEU A 107 4.30 -2.42 -16.27
C LEU A 107 4.40 -3.40 -17.50
N LEU A 108 3.42 -3.32 -18.41
CA LEU A 108 3.36 -4.06 -19.71
C LEU A 108 4.17 -3.37 -20.79
N MET A 109 3.95 -2.08 -21.00
CA MET A 109 4.78 -1.29 -21.89
C MET A 109 6.25 -1.44 -21.54
N ASN A 110 6.53 -1.92 -20.33
CA ASN A 110 7.85 -2.43 -19.98
C ASN A 110 7.78 -3.58 -18.99
N PRO A 111 8.54 -4.64 -19.26
CA PRO A 111 8.51 -5.85 -18.43
C PRO A 111 9.87 -6.14 -17.81
N GLU A 112 10.86 -5.32 -18.14
CA GLU A 112 12.17 -5.46 -17.57
C GLU A 112 12.28 -4.36 -16.52
N VAL A 113 12.32 -4.74 -15.25
CA VAL A 113 12.23 -3.72 -14.17
C VAL A 113 13.53 -3.63 -13.40
N ARG A 114 13.80 -2.42 -12.97
CA ARG A 114 15.05 -2.17 -12.28
C ARG A 114 14.64 -1.69 -10.91
N LEU A 115 14.97 -2.44 -9.90
CA LEU A 115 14.74 -2.01 -8.56
C LEU A 115 16.06 -1.97 -7.76
N TRP A 116 16.32 -0.87 -7.05
CA TRP A 116 17.62 -0.70 -6.33
C TRP A 116 18.71 -1.24 -7.24
N ASP A 117 19.50 -2.16 -6.74
CA ASP A 117 20.53 -2.68 -7.62
C ASP A 117 20.19 -3.92 -8.47
N GLU A 118 18.91 -4.32 -8.54
CA GLU A 118 18.51 -5.60 -9.16
C GLU A 118 17.68 -5.54 -10.45
N ARG A 119 17.78 -6.62 -11.22
CA ARG A 119 17.10 -6.70 -12.52
C ARG A 119 16.03 -7.76 -12.44
N PHE A 120 14.79 -7.38 -12.76
CA PHE A 120 13.66 -8.25 -12.48
C PHE A 120 12.87 -8.23 -13.75
N TYR A 121 12.10 -9.27 -13.95
CA TYR A 121 11.22 -9.25 -15.07
C TYR A 121 9.74 -9.37 -14.52
N LEU A 122 8.81 -8.59 -15.01
CA LEU A 122 7.40 -8.77 -14.76
C LEU A 122 6.95 -10.21 -15.06
N HIS A 123 6.68 -10.97 -14.04
CA HIS A 123 6.13 -12.29 -14.20
C HIS A 123 4.56 -12.29 -14.35
N GLU A 124 3.80 -11.98 -13.30
CA GLU A 124 2.35 -12.08 -13.38
C GLU A 124 1.67 -10.96 -12.64
N ILE A 125 0.51 -10.64 -13.08
CA ILE A 125 -0.24 -9.77 -12.30
C ILE A 125 -1.47 -10.55 -11.88
N LYS A 126 -1.62 -10.70 -10.58
CA LYS A 126 -2.88 -11.39 -10.05
C LYS A 126 -3.84 -10.26 -9.52
N VAL A 127 -4.99 -10.16 -10.12
CA VAL A 127 -6.18 -9.44 -9.69
C VAL A 127 -6.89 -10.12 -8.47
N LEU A 128 -7.34 -9.35 -7.46
CA LEU A 128 -7.80 -9.98 -6.16
C LEU A 128 -9.21 -9.60 -5.89
N ARG A 129 -10.06 -10.56 -5.57
CA ARG A 129 -11.48 -10.31 -5.25
C ARG A 129 -11.64 -9.45 -3.95
N GLU A 130 -12.51 -8.48 -3.94
CA GLU A 130 -12.67 -7.66 -2.80
C GLU A 130 -13.79 -8.25 -1.90
N PRO A 131 -13.51 -8.37 -0.57
CA PRO A 131 -14.54 -8.92 0.41
C PRO A 131 -15.82 -8.18 0.28
N LYS A 132 -16.89 -8.96 0.27
CA LYS A 132 -18.26 -8.40 0.35
C LYS A 132 -18.48 -7.45 1.52
N LYS A 133 -18.03 -7.83 2.70
CA LYS A 133 -18.11 -6.86 3.77
C LYS A 133 -16.90 -6.85 4.69
N PHE A 134 -16.79 -5.85 5.53
CA PHE A 134 -15.61 -5.59 6.34
C PHE A 134 -15.92 -5.48 7.87
N ASN A 135 -17.10 -4.95 8.21
CA ASN A 135 -17.52 -4.75 9.66
C ASN A 135 -17.18 -5.98 10.51
N GLY A 136 -16.24 -5.88 11.42
CA GLY A 136 -15.95 -7.06 12.17
C GLY A 136 -14.76 -7.94 11.84
N SER A 137 -14.03 -7.68 10.71
CA SER A 137 -12.98 -8.61 10.23
C SER A 137 -11.82 -8.16 10.92
N THR A 138 -10.82 -9.02 10.97
CA THR A 138 -9.48 -8.60 11.42
C THR A 138 -8.63 -8.25 10.18
N PHE A 139 -7.85 -7.18 10.26
CA PHE A 139 -7.05 -6.70 9.21
C PHE A 139 -5.63 -6.81 9.64
N VAL A 140 -4.71 -7.02 8.70
CA VAL A 140 -3.26 -7.04 8.99
C VAL A 140 -2.64 -6.01 8.06
N THR A 141 -1.73 -5.18 8.53
CA THR A 141 -1.18 -4.21 7.59
C THR A 141 -0.23 -4.96 6.53
N LEU A 142 -0.29 -4.55 5.24
CA LEU A 142 0.64 -5.01 4.17
C LEU A 142 1.77 -4.03 3.98
N SER A 143 1.51 -2.73 4.07
CA SER A 143 2.48 -1.76 4.45
C SER A 143 2.08 -1.05 5.79
N PRO A 144 3.07 -0.64 6.63
CA PRO A 144 2.74 0.02 7.93
C PRO A 144 1.94 1.32 7.90
N ILE A 145 1.16 1.57 8.95
CA ILE A 145 0.36 2.79 9.04
C ILE A 145 1.12 3.90 9.79
N ALA A 146 1.24 5.04 9.11
CA ALA A 146 1.75 6.34 9.58
C ALA A 146 0.62 7.33 9.98
N VAL A 147 0.67 7.79 11.24
CA VAL A 147 -0.19 8.88 11.78
C VAL A 147 0.76 9.93 12.34
N THR A 148 0.57 11.18 11.93
CA THR A 148 1.30 12.33 12.46
C THR A 148 0.32 13.41 12.85
N VAL A 149 0.61 14.16 13.92
CA VAL A 149 -0.31 15.28 14.24
C VAL A 149 0.35 16.68 14.29
N VAL A 150 -0.39 17.66 13.76
CA VAL A 150 0.10 19.04 13.70
C VAL A 150 -0.98 20.08 14.02
N TYR A 156 4.15 15.51 14.94
CA TYR A 156 4.89 14.38 15.51
C TYR A 156 4.19 13.00 15.24
N ASP A 157 4.89 11.91 15.56
CA ASP A 157 4.36 10.53 15.53
C ASP A 157 3.28 10.27 16.61
N VAL A 158 2.16 9.66 16.21
CA VAL A 158 1.07 9.37 17.13
C VAL A 158 1.00 7.86 17.30
N PRO A 159 1.54 7.34 18.42
CA PRO A 159 1.37 5.89 18.72
C PRO A 159 -0.09 5.39 18.72
N PRO A 160 -0.30 4.11 18.39
CA PRO A 160 -1.59 3.43 18.51
C PRO A 160 -2.07 3.25 19.97
N MET A 161 -1.16 3.45 20.92
CA MET A 161 -1.50 3.33 22.33
C MET A 161 -2.10 4.66 22.84
N GLU A 162 -1.79 5.77 22.16
CA GLU A 162 -2.53 7.03 22.34
C GLU A 162 -3.83 6.91 21.56
N LYS A 163 -4.82 7.74 21.90
CA LYS A 163 -6.20 7.68 21.35
C LYS A 163 -6.51 8.69 20.23
N GLU A 164 -5.61 9.65 20.05
CA GLU A 164 -5.66 10.52 18.88
C GLU A 164 -5.36 9.73 17.56
N PHE A 165 -4.51 8.68 17.67
CA PHE A 165 -4.29 7.67 16.62
C PHE A 165 -5.56 7.40 15.92
N TYR A 166 -6.61 7.12 16.68
CA TYR A 166 -7.81 6.62 16.07
C TYR A 166 -8.68 7.66 15.46
N SER A 167 -8.67 8.87 16.02
CA SER A 167 -9.56 9.93 15.49
C SER A 167 -8.90 10.56 14.28
N ILE A 168 -7.58 10.66 14.30
CA ILE A 168 -6.85 11.00 13.09
C ILE A 168 -7.14 9.98 11.91
N ILE A 169 -6.97 8.66 12.11
CA ILE A 169 -7.36 7.64 11.09
C ILE A 169 -8.79 7.86 10.60
N LYS A 170 -9.70 7.96 11.58
CA LYS A 170 -11.15 8.12 11.30
C LYS A 170 -11.47 9.34 10.44
N ASP A 171 -10.86 10.49 10.74
CA ASP A 171 -11.13 11.68 9.92
C ASP A 171 -10.56 11.60 8.54
N ASP A 172 -9.33 11.11 8.45
CA ASP A 172 -8.73 10.78 7.12
C ASP A 172 -9.59 9.83 6.30
N LEU A 173 -10.11 8.74 6.87
CA LEU A 173 -11.07 7.92 6.08
C LEU A 173 -12.30 8.65 5.74
N GLN A 174 -12.71 9.57 6.61
CA GLN A 174 -13.88 10.44 6.21
C GLN A 174 -13.46 11.44 5.09
N ASP A 175 -12.26 12.00 5.18
CA ASP A 175 -11.69 12.92 4.12
C ASP A 175 -11.54 12.22 2.75
N LYS A 176 -11.08 10.95 2.72
CA LYS A 176 -11.08 10.04 1.52
C LYS A 176 -12.41 9.69 1.08
N TYR A 177 -13.36 9.54 1.98
CA TYR A 177 -14.72 9.24 1.59
C TYR A 177 -15.38 10.44 0.95
N VAL A 178 -15.12 11.63 1.46
CA VAL A 178 -15.64 12.81 0.80
C VAL A 178 -14.98 12.94 -0.64
N MET A 179 -13.64 12.99 -0.74
CA MET A 179 -12.95 12.86 -2.05
C MET A 179 -13.54 11.74 -2.93
N ALA A 180 -13.49 10.48 -2.51
CA ALA A 180 -14.00 9.41 -3.38
C ALA A 180 -15.20 8.44 -3.40
N TYR A 181 -16.20 8.70 -2.57
CA TYR A 181 -17.63 8.31 -2.72
C TYR A 181 -18.62 9.45 -2.52
N GLY A 182 -18.57 10.46 -3.40
CA GLY A 182 -19.62 11.48 -3.50
C GLY A 182 -19.51 12.60 -2.50
N ASP A 183 -20.12 12.46 -1.32
CA ASP A 183 -20.06 13.58 -0.34
C ASP A 183 -19.81 13.73 1.21
N LYS A 184 -20.82 13.35 2.02
CA LYS A 184 -20.89 13.56 3.50
C LYS A 184 -20.71 12.14 4.11
N PRO A 185 -19.74 12.02 5.00
CA PRO A 185 -19.23 10.67 5.30
C PRO A 185 -19.89 10.00 6.51
N PRO A 186 -20.14 8.68 6.42
CA PRO A 186 -20.56 7.88 7.59
C PRO A 186 -19.78 8.17 8.89
N SER A 187 -20.38 7.86 10.04
CA SER A 187 -19.70 8.27 11.28
C SER A 187 -19.37 7.13 12.23
N GLU A 188 -19.96 5.95 12.03
CA GLU A 188 -19.58 4.81 12.90
C GLU A 188 -18.21 4.21 12.58
N PHE A 189 -17.29 4.33 13.52
CA PHE A 189 -15.97 3.78 13.37
C PHE A 189 -15.26 3.25 14.58
N GLU A 190 -14.85 2.01 14.57
CA GLU A 190 -13.92 1.67 15.62
C GLU A 190 -12.79 0.69 15.26
N MET A 191 -11.61 0.93 15.79
CA MET A 191 -10.50 0.01 15.62
C MET A 191 -10.09 -0.54 16.96
N GLU A 192 -9.92 -1.85 16.98
CA GLU A 192 -9.41 -2.63 18.13
C GLU A 192 -8.04 -3.24 17.69
N VAL A 193 -6.95 -2.54 17.99
CA VAL A 193 -5.59 -3.06 17.72
C VAL A 193 -5.20 -4.35 18.50
N LEU A 194 -5.01 -5.48 17.82
CA LEU A 194 -4.60 -6.73 18.46
C LEU A 194 -3.08 -6.83 18.67
N ILE A 195 -2.29 -6.32 17.72
CA ILE A 195 -0.83 -6.36 17.79
C ILE A 195 -0.28 -5.09 17.20
N ALA A 196 0.64 -4.36 17.82
CA ALA A 196 1.26 -3.21 17.20
C ALA A 196 2.77 -3.36 17.27
N LYS A 197 3.50 -3.23 16.17
CA LYS A 197 4.96 -3.22 16.20
C LYS A 197 5.40 -2.06 15.38
N PRO A 198 6.32 -1.22 15.90
CA PRO A 198 6.86 -0.07 15.17
C PRO A 198 8.02 -0.45 14.28
N LYS A 199 8.19 0.33 13.22
CA LYS A 199 9.32 0.25 12.32
C LYS A 199 9.56 1.67 11.82
N ARG A 200 10.81 2.12 11.80
CA ARG A 200 11.06 3.51 11.44
C ARG A 200 11.87 3.62 10.15
N PHE A 201 11.64 4.68 9.38
CA PHE A 201 12.21 4.78 8.07
C PHE A 201 13.05 6.06 7.86
N ARG A 202 12.49 7.25 8.09
CA ARG A 202 13.32 8.49 8.00
C ARG A 202 13.10 9.55 9.12
N GLN A 209 10.72 8.75 10.04
CA GLN A 209 9.52 8.72 10.90
C GLN A 209 9.07 7.26 11.10
N THR A 210 8.33 7.06 12.19
CA THR A 210 7.80 5.76 12.61
C THR A 210 6.43 5.41 11.98
N ALA A 211 6.31 4.16 11.54
CA ALA A 211 5.04 3.65 11.01
C ALA A 211 4.75 2.38 11.80
N TRP A 212 3.53 1.87 11.73
CA TRP A 212 3.18 0.69 12.56
C TRP A 212 2.60 -0.48 11.83
N HIS A 213 3.18 -1.66 12.05
CA HIS A 213 2.54 -2.88 11.64
C HIS A 213 1.43 -3.24 12.65
N LEU A 214 0.21 -3.46 12.18
CA LEU A 214 -0.93 -3.66 13.01
C LEU A 214 -1.64 -4.89 12.60
N VAL A 215 -2.17 -5.66 13.56
CA VAL A 215 -3.26 -6.56 13.35
C VAL A 215 -4.43 -5.92 14.11
N PHE A 216 -5.62 -5.88 13.55
CA PHE A 216 -6.64 -5.06 14.10
C PHE A 216 -7.95 -5.50 13.59
N ARG A 217 -8.96 -5.39 14.44
CA ARG A 217 -10.28 -5.70 14.04
C ARG A 217 -10.94 -4.35 13.86
N ALA A 218 -11.92 -4.21 12.94
CA ALA A 218 -12.44 -2.86 12.66
C ALA A 218 -13.95 -3.03 12.55
N TYR A 219 -14.65 -1.97 12.95
CA TYR A 219 -16.07 -2.06 13.20
C TYR A 219 -16.63 -0.81 12.66
N GLY A 220 -17.82 -0.90 12.07
CA GLY A 220 -18.54 0.37 11.92
C GLY A 220 -19.00 0.54 10.49
N ASN A 221 -18.99 1.74 9.91
CA ASN A 221 -19.74 1.75 8.63
C ASN A 221 -18.99 0.91 7.49
N ASP A 222 -19.65 0.04 6.71
CA ASP A 222 -18.93 -0.82 5.73
C ASP A 222 -18.24 0.03 4.65
N ASP A 223 -18.91 1.06 4.10
CA ASP A 223 -18.36 1.90 3.02
C ASP A 223 -17.20 2.79 3.44
N LEU A 224 -17.12 3.06 4.72
CA LEU A 224 -16.01 3.82 5.26
C LEU A 224 -14.87 2.86 5.52
N LEU A 225 -15.15 1.63 5.92
CA LEU A 225 -14.11 0.68 6.04
C LEU A 225 -13.46 0.27 4.64
N LYS A 226 -14.30 0.16 3.62
CA LYS A 226 -14.02 -0.21 2.24
C LYS A 226 -13.07 0.82 1.64
N VAL A 227 -13.30 2.08 1.95
CA VAL A 227 -12.38 3.18 1.76
C VAL A 227 -10.97 2.93 2.22
N GLY A 228 -10.87 2.50 3.45
CA GLY A 228 -9.58 2.26 4.04
C GLY A 228 -8.97 1.04 3.40
N TYR A 229 -9.79 0.04 3.06
CA TYR A 229 -9.26 -1.15 2.49
C TYR A 229 -8.61 -0.83 1.00
N GLU A 230 -9.28 0.01 0.26
CA GLU A 230 -8.99 0.35 -1.14
C GLU A 230 -7.82 1.29 -1.40
N VAL A 231 -7.67 2.24 -0.48
CA VAL A 231 -6.76 3.38 -0.59
C VAL A 231 -5.86 3.58 0.56
N GLY A 232 -5.95 2.75 1.60
CA GLY A 232 -5.01 2.84 2.66
C GLY A 232 -5.59 3.50 3.94
N PHE A 233 -5.04 3.09 5.06
CA PHE A 233 -5.44 3.69 6.41
C PHE A 233 -4.35 4.62 6.75
N GLY A 234 -4.68 5.70 7.48
CA GLY A 234 -3.63 6.66 7.82
C GLY A 234 -3.07 7.45 6.61
N GLU A 235 -1.83 7.93 6.79
CA GLU A 235 -1.19 8.90 5.89
C GLU A 235 -0.08 8.33 4.95
N LYS A 236 0.27 9.15 3.93
CA LYS A 236 1.34 8.88 2.94
C LYS A 236 1.10 7.59 2.16
N ASN A 237 -0.14 7.27 1.93
CA ASN A 237 -0.53 6.08 1.22
C ASN A 237 0.27 5.93 -0.12
N SER A 238 0.34 7.04 -0.86
CA SER A 238 0.98 7.08 -2.16
C SER A 238 2.53 6.88 -2.03
N LEU A 239 3.06 6.87 -0.80
CA LEU A 239 4.42 6.51 -0.59
C LEU A 239 4.55 5.13 -0.08
N GLY A 240 3.48 4.36 -0.15
CA GLY A 240 3.53 2.95 0.22
C GLY A 240 3.23 2.64 1.64
N PHE A 241 2.26 3.34 2.25
CA PHE A 241 1.94 3.19 3.71
C PHE A 241 0.44 2.91 3.93
N GLY A 242 0.14 2.04 4.90
CA GLY A 242 -1.20 1.82 5.37
C GLY A 242 -2.05 0.91 4.59
N MET A 243 -1.41 0.02 3.76
CA MET A 243 -2.17 -0.90 2.95
C MET A 243 -2.53 -2.08 3.87
N VAL A 244 -3.81 -2.43 3.87
CA VAL A 244 -4.18 -3.60 4.62
C VAL A 244 -4.85 -4.69 3.75
N LYS A 245 -4.95 -5.85 4.38
CA LYS A 245 -5.60 -7.04 3.86
C LYS A 245 -6.49 -7.64 5.03
N VAL A 246 -7.48 -8.46 4.73
CA VAL A 246 -8.17 -9.33 5.69
C VAL A 246 -7.27 -10.48 6.15
N GLU A 247 -7.00 -10.61 7.44
CA GLU A 247 -6.11 -11.67 8.01
C GLU A 247 -6.51 -13.10 7.58
N GLY A 248 -5.49 -13.92 7.27
CA GLY A 248 -5.70 -15.34 6.90
C GLY A 248 -5.69 -16.29 8.11
#